data_9C7K
#
_entry.id   9C7K
#
_cell.length_a   182.417
_cell.length_b   182.417
_cell.length_c   56.306
_cell.angle_alpha   90.000
_cell.angle_beta   90.000
_cell.angle_gamma   120.000
#
_symmetry.space_group_name_H-M   'P 63'
#
loop_
_entity.id
_entity.type
_entity.pdbx_description
1 polymer 'Pentalenene synthase'
2 non-polymer 'TETRAETHYLENE GLYCOL'
3 non-polymer 'SULFATE ION'
4 water water
#
_entity_poly.entity_id   1
_entity_poly.type   'polypeptide(L)'
_entity_poly.pdbx_seq_one_letter_code
;MPQDVDFHIPLPGRQSPDHARAEAEQLAWPRSLGLIRSDAAAERHLRGGYADLASRFYPHATGADLDLGVDLMSWAFLFD
DLFDGPRGENPEDTKQLTDQVAAALDGPLPDTAPPIAHGFADIWRRTCEGMTPAWCARSARHWRNYFDGYVDEAESRFWN
APCDSAAQYLAMRRHTIGVQPTVDLAERAGRFEVPHRVFDSAVMSAMLQIAVDVNLLLNDIASLEKEEARGEQNNMVMIL
RREHGWSKSRSVSHMQNEVRARLEQYLLLESCLPKVGEIYQLDTAEREALERYRTDAVRTVIRGSYDWHRSSGRYDAEFA
LAAGAQGYLEELGSSAH
;
_entity_poly.pdbx_strand_id   A,B
#
# COMPACT_ATOMS: atom_id res chain seq x y z
N ASP A 6 19.76 19.36 -9.34
CA ASP A 6 19.14 18.72 -10.50
C ASP A 6 18.84 17.25 -10.22
N PHE A 7 18.04 16.64 -11.10
CA PHE A 7 17.65 15.25 -10.97
C PHE A 7 17.54 14.62 -12.36
N HIS A 8 17.63 13.30 -12.40
CA HIS A 8 17.58 12.54 -13.65
C HIS A 8 16.11 12.21 -13.95
N ILE A 9 15.51 13.00 -14.83
CA ILE A 9 14.10 12.80 -15.18
C ILE A 9 14.03 12.57 -16.68
N PRO A 10 14.29 11.36 -17.17
CA PRO A 10 14.34 11.16 -18.63
C PRO A 10 12.96 11.12 -19.27
N LEU A 11 12.13 12.11 -19.00
CA LEU A 11 10.82 12.26 -19.62
C LEU A 11 10.75 13.59 -20.36
N PRO A 12 10.01 13.67 -21.47
CA PRO A 12 9.94 14.93 -22.21
C PRO A 12 9.08 15.96 -21.50
N GLY A 13 9.58 17.19 -21.47
CA GLY A 13 8.79 18.29 -20.91
C GLY A 13 7.69 18.70 -21.86
N ARG A 14 6.47 18.84 -21.34
CA ARG A 14 5.31 19.17 -22.14
C ARG A 14 4.46 20.20 -21.41
N GLN A 15 3.79 21.05 -22.19
CA GLN A 15 2.89 22.05 -21.63
C GLN A 15 1.76 22.29 -22.62
N SER A 16 0.54 22.41 -22.10
CA SER A 16 -0.62 22.61 -22.95
C SER A 16 -0.44 23.87 -23.79
N PRO A 17 -0.74 23.82 -25.10
CA PRO A 17 -0.64 25.02 -25.92
C PRO A 17 -1.62 26.10 -25.53
N ASP A 18 -2.66 25.77 -24.77
CA ASP A 18 -3.66 26.74 -24.32
C ASP A 18 -3.35 27.27 -22.93
N HIS A 19 -2.09 27.22 -22.50
CA HIS A 19 -1.74 27.62 -21.14
C HIS A 19 -1.92 29.12 -20.92
N ALA A 20 -1.72 29.94 -21.97
CA ALA A 20 -1.83 31.39 -21.80
C ALA A 20 -3.24 31.80 -21.44
N ARG A 21 -4.24 31.25 -22.12
CA ARG A 21 -5.62 31.59 -21.82
C ARG A 21 -6.03 31.06 -20.44
N ALA A 22 -5.63 29.82 -20.12
CA ALA A 22 -5.99 29.25 -18.83
C ALA A 22 -5.35 30.03 -17.69
N GLU A 23 -4.13 30.52 -17.90
CA GLU A 23 -3.46 31.30 -16.86
C GLU A 23 -4.08 32.69 -16.72
N ALA A 24 -4.55 33.27 -17.83
CA ALA A 24 -5.14 34.60 -17.77
C ALA A 24 -6.51 34.58 -17.10
N GLU A 25 -7.26 33.49 -17.25
CA GLU A 25 -8.62 33.40 -16.73
C GLU A 25 -8.72 32.59 -15.45
N GLN A 26 -7.58 32.28 -14.81
CA GLN A 26 -7.58 31.39 -13.66
C GLN A 26 -8.29 31.98 -12.45
N LEU A 27 -8.47 33.30 -12.39
CA LEU A 27 -9.06 33.92 -11.20
C LEU A 27 -10.58 33.91 -11.20
N ALA A 28 -11.21 33.77 -12.37
CA ALA A 28 -12.66 33.91 -12.45
C ALA A 28 -13.38 32.87 -11.60
N TRP A 29 -12.91 31.61 -11.64
CA TRP A 29 -13.62 30.56 -10.92
C TRP A 29 -13.50 30.70 -9.40
N PRO A 30 -12.31 30.83 -8.81
CA PRO A 30 -12.25 30.89 -7.33
C PRO A 30 -12.88 32.15 -6.75
N ARG A 31 -12.99 33.23 -7.51
CA ARG A 31 -13.66 34.42 -7.00
C ARG A 31 -15.17 34.27 -7.05
N SER A 32 -15.71 33.50 -8.00
CA SER A 32 -17.14 33.24 -8.05
C SER A 32 -17.58 32.23 -7.00
N LEU A 33 -16.65 31.49 -6.40
CA LEU A 33 -16.95 30.54 -5.35
C LEU A 33 -16.63 31.08 -3.96
N GLY A 34 -16.19 32.33 -3.85
CA GLY A 34 -15.84 32.89 -2.57
C GLY A 34 -14.53 32.39 -1.99
N LEU A 35 -13.68 31.78 -2.82
CA LEU A 35 -12.39 31.31 -2.35
C LEU A 35 -11.35 32.41 -2.31
N ILE A 36 -11.48 33.40 -3.18
CA ILE A 36 -10.61 34.57 -3.23
C ILE A 36 -11.49 35.80 -3.16
N ARG A 37 -11.32 36.61 -2.11
CA ARG A 37 -12.24 37.71 -1.83
C ARG A 37 -11.59 39.08 -1.82
N SER A 38 -10.26 39.17 -1.82
CA SER A 38 -9.56 40.44 -1.87
C SER A 38 -8.59 40.46 -3.03
N ASP A 39 -8.26 41.67 -3.49
CA ASP A 39 -7.30 41.80 -4.59
C ASP A 39 -5.90 41.35 -4.17
N ALA A 40 -5.56 41.50 -2.90
CA ALA A 40 -4.27 41.00 -2.42
C ALA A 40 -4.25 39.48 -2.43
N ALA A 41 -5.39 38.84 -2.11
CA ALA A 41 -5.46 37.39 -2.18
C ALA A 41 -5.40 36.91 -3.62
N ALA A 42 -5.90 37.71 -4.56
CA ALA A 42 -5.81 37.35 -5.97
C ALA A 42 -4.36 37.37 -6.45
N GLU A 43 -3.62 38.43 -6.10
CA GLU A 43 -2.21 38.50 -6.50
C GLU A 43 -1.40 37.40 -5.82
N ARG A 44 -1.72 37.08 -4.57
CA ARG A 44 -1.05 35.97 -3.91
C ARG A 44 -1.34 34.65 -4.61
N HIS A 45 -2.51 34.53 -5.24
CA HIS A 45 -2.84 33.33 -5.99
C HIS A 45 -2.07 33.27 -7.30
N LEU A 46 -1.98 34.39 -8.01
CA LEU A 46 -1.25 34.42 -9.28
C LEU A 46 0.23 34.14 -9.08
N ARG A 47 0.78 34.48 -7.92
CA ARG A 47 2.20 34.24 -7.65
C ARG A 47 2.51 32.77 -7.41
N GLY A 48 1.50 31.90 -7.33
CA GLY A 48 1.75 30.49 -7.13
C GLY A 48 2.05 29.71 -8.40
N GLY A 49 1.66 30.24 -9.55
CA GLY A 49 1.86 29.53 -10.80
C GLY A 49 1.04 28.26 -10.89
N TYR A 50 -0.22 28.31 -10.46
CA TYR A 50 -1.04 27.10 -10.38
C TYR A 50 -1.59 26.69 -11.73
N ALA A 51 -2.05 27.67 -12.53
CA ALA A 51 -2.47 27.34 -13.89
C ALA A 51 -1.29 26.85 -14.72
N ASP A 52 -0.10 27.43 -14.50
CA ASP A 52 1.09 26.94 -15.18
C ASP A 52 1.39 25.50 -14.80
N LEU A 53 1.23 25.17 -13.51
CA LEU A 53 1.44 23.79 -13.07
C LEU A 53 0.40 22.85 -13.69
N ALA A 54 -0.85 23.28 -13.74
CA ALA A 54 -1.90 22.45 -14.34
C ALA A 54 -1.64 22.19 -15.82
N SER A 55 -1.13 23.21 -16.53
CA SER A 55 -0.84 23.05 -17.94
C SER A 55 0.30 22.07 -18.19
N ARG A 56 1.16 21.84 -17.20
CA ARG A 56 2.21 20.84 -17.31
C ARG A 56 1.74 19.46 -16.85
N PHE A 57 0.89 19.41 -15.84
CA PHE A 57 0.26 18.14 -15.46
C PHE A 57 -0.65 17.63 -16.56
N TYR A 58 -1.32 18.53 -17.28
CA TYR A 58 -2.30 18.15 -18.30
C TYR A 58 -2.00 18.85 -19.62
N PRO A 59 -0.86 18.54 -20.25
CA PRO A 59 -0.55 19.16 -21.55
C PRO A 59 -1.50 18.74 -22.66
N HIS A 60 -2.21 17.62 -22.48
CA HIS A 60 -3.14 17.09 -23.47
C HIS A 60 -4.51 17.74 -23.41
N ALA A 61 -4.73 18.69 -22.51
CA ALA A 61 -6.04 19.31 -22.32
C ALA A 61 -6.00 20.76 -22.77
N THR A 62 -7.11 21.22 -23.34
CA THR A 62 -7.31 22.62 -23.69
C THR A 62 -8.73 23.02 -23.32
N GLY A 63 -8.97 24.33 -23.31
CA GLY A 63 -10.32 24.83 -23.10
C GLY A 63 -10.86 24.47 -21.73
N ALA A 64 -12.14 24.08 -21.70
CA ALA A 64 -12.80 23.76 -20.43
C ALA A 64 -12.13 22.59 -19.73
N ASP A 65 -11.58 21.63 -20.49
CA ASP A 65 -10.88 20.51 -19.87
C ASP A 65 -9.65 21.00 -19.09
N LEU A 66 -8.89 21.92 -19.68
CA LEU A 66 -7.75 22.49 -18.96
C LEU A 66 -8.22 23.39 -17.82
N ASP A 67 -9.34 24.11 -18.00
CA ASP A 67 -9.87 24.95 -16.94
C ASP A 67 -10.19 24.14 -15.70
N LEU A 68 -10.71 22.92 -15.88
CA LEU A 68 -10.95 22.05 -14.73
C LEU A 68 -9.66 21.66 -14.05
N GLY A 69 -8.59 21.47 -14.84
CA GLY A 69 -7.29 21.21 -14.25
C GLY A 69 -6.74 22.40 -13.49
N VAL A 70 -6.95 23.60 -14.01
CA VAL A 70 -6.50 24.81 -13.32
C VAL A 70 -7.25 24.96 -11.99
N ASP A 71 -8.56 24.79 -12.02
CA ASP A 71 -9.36 24.95 -10.81
C ASP A 71 -8.97 23.94 -9.74
N LEU A 72 -8.62 22.72 -10.14
CA LEU A 72 -8.19 21.73 -9.16
C LEU A 72 -6.91 22.18 -8.47
N MET A 73 -5.94 22.68 -9.24
CA MET A 73 -4.72 23.20 -8.62
C MET A 73 -5.02 24.42 -7.76
N SER A 74 -5.89 25.32 -8.24
CA SER A 74 -6.29 26.47 -7.44
C SER A 74 -6.92 26.02 -6.13
N TRP A 75 -7.86 25.07 -6.19
CA TRP A 75 -8.53 24.61 -4.99
C TRP A 75 -7.58 23.86 -4.06
N ALA A 76 -6.69 23.04 -4.63
CA ALA A 76 -5.83 22.20 -3.80
C ALA A 76 -4.88 23.05 -2.96
N PHE A 77 -4.42 24.18 -3.50
CA PHE A 77 -3.50 25.04 -2.74
C PHE A 77 -4.26 25.94 -1.78
N LEU A 78 -5.42 26.45 -2.19
CA LEU A 78 -6.27 27.20 -1.26
C LEU A 78 -6.71 26.34 -0.09
N PHE A 79 -7.04 25.07 -0.35
CA PHE A 79 -7.43 24.15 0.71
C PHE A 79 -6.26 23.86 1.65
N ASP A 80 -5.08 23.63 1.09
CA ASP A 80 -3.91 23.33 1.92
C ASP A 80 -3.52 24.50 2.82
N ASP A 81 -3.83 25.72 2.39
CA ASP A 81 -3.48 26.89 3.22
C ASP A 81 -4.29 26.93 4.50
N LEU A 82 -5.52 26.42 4.48
CA LEU A 82 -6.39 26.42 5.65
C LEU A 82 -5.84 25.55 6.78
N PHE A 83 -4.72 24.86 6.59
CA PHE A 83 -4.12 24.02 7.61
C PHE A 83 -2.72 24.49 8.00
N ASP A 84 -2.30 25.66 7.53
CA ASP A 84 -0.99 26.18 7.91
C ASP A 84 -0.99 26.70 9.33
N GLY A 85 -2.13 27.17 9.83
CA GLY A 85 -2.22 27.71 11.16
C GLY A 85 -2.48 26.66 12.21
N PRO A 86 -3.19 27.04 13.28
CA PRO A 86 -3.43 26.10 14.38
C PRO A 86 -4.31 24.93 14.01
N ARG A 87 -5.15 25.05 12.98
CA ARG A 87 -6.03 23.94 12.59
C ARG A 87 -5.22 22.71 12.22
N GLY A 88 -4.11 22.90 11.50
CA GLY A 88 -3.26 21.77 11.14
C GLY A 88 -2.52 21.14 12.30
N GLU A 89 -2.62 21.72 13.49
CA GLU A 89 -1.98 21.15 14.67
C GLU A 89 -2.93 20.27 15.47
N ASN A 90 -4.24 20.54 15.40
CA ASN A 90 -5.23 19.78 16.13
C ASN A 90 -5.94 18.84 15.17
N PRO A 91 -5.83 17.51 15.35
CA PRO A 91 -6.53 16.60 14.44
C PRO A 91 -8.04 16.70 14.52
N GLU A 92 -8.60 17.20 15.63
CA GLU A 92 -10.04 17.35 15.72
C GLU A 92 -10.53 18.48 14.83
N ASP A 93 -9.84 19.62 14.83
CA ASP A 93 -10.22 20.73 13.97
C ASP A 93 -9.94 20.43 12.50
N THR A 94 -8.93 19.61 12.23
CA THR A 94 -8.67 19.20 10.85
C THR A 94 -9.81 18.34 10.32
N LYS A 95 -10.18 17.29 11.07
CA LYS A 95 -11.24 16.40 10.62
C LYS A 95 -12.58 17.11 10.50
N GLN A 96 -12.81 18.12 11.36
CA GLN A 96 -14.05 18.88 11.26
C GLN A 96 -14.19 19.55 9.91
N LEU A 97 -13.07 20.04 9.35
CA LEU A 97 -13.13 20.68 8.04
C LEU A 97 -13.15 19.65 6.91
N THR A 98 -12.31 18.61 7.00
CA THR A 98 -12.24 17.63 5.93
C THR A 98 -13.56 16.88 5.76
N ASP A 99 -14.28 16.65 6.87
CA ASP A 99 -15.56 15.96 6.76
C ASP A 99 -16.57 16.79 5.99
N GLN A 100 -16.56 18.11 6.15
CA GLN A 100 -17.50 18.96 5.44
C GLN A 100 -17.17 19.04 3.96
N VAL A 101 -15.91 18.85 3.58
CA VAL A 101 -15.55 18.83 2.18
C VAL A 101 -15.80 17.45 1.58
N ALA A 102 -15.37 16.41 2.29
CA ALA A 102 -15.58 15.03 1.82
C ALA A 102 -17.05 14.68 1.69
N ALA A 103 -17.93 15.39 2.40
CA ALA A 103 -19.36 15.14 2.28
C ALA A 103 -19.89 15.44 0.88
N ALA A 104 -19.13 16.19 0.08
CA ALA A 104 -19.53 16.44 -1.29
C ALA A 104 -19.48 15.19 -2.15
N LEU A 105 -18.68 14.19 -1.75
CA LEU A 105 -18.62 12.93 -2.48
C LEU A 105 -19.87 12.09 -2.27
N ASP A 106 -20.60 12.31 -1.17
CA ASP A 106 -21.78 11.52 -0.85
C ASP A 106 -23.07 12.12 -1.39
N GLY A 107 -23.08 13.40 -1.72
CA GLY A 107 -24.26 14.04 -2.25
C GLY A 107 -24.19 15.55 -2.13
N PRO A 108 -25.33 16.22 -2.32
CA PRO A 108 -25.35 17.68 -2.26
C PRO A 108 -24.98 18.19 -0.88
N LEU A 109 -24.32 19.34 -0.85
CA LEU A 109 -23.90 19.96 0.40
C LEU A 109 -24.95 20.95 0.89
N PRO A 110 -25.09 21.11 2.21
CA PRO A 110 -25.95 22.18 2.73
C PRO A 110 -25.38 23.54 2.37
N ASP A 111 -26.28 24.52 2.21
CA ASP A 111 -25.84 25.87 1.88
C ASP A 111 -24.95 26.47 2.94
N THR A 112 -25.00 25.95 4.17
CA THR A 112 -24.14 26.45 5.25
C THR A 112 -22.72 25.91 5.18
N ALA A 113 -22.40 25.10 4.18
CA ALA A 113 -21.05 24.56 4.06
C ALA A 113 -20.06 25.70 3.77
N PRO A 114 -18.83 25.58 4.27
CA PRO A 114 -17.84 26.63 4.02
C PRO A 114 -17.54 26.76 2.54
N PRO A 115 -17.06 27.94 2.10
CA PRO A 115 -16.82 28.13 0.66
C PRO A 115 -15.84 27.13 0.07
N ILE A 116 -14.83 26.71 0.83
CA ILE A 116 -13.87 25.74 0.32
C ILE A 116 -14.54 24.39 0.04
N ALA A 117 -15.69 24.13 0.65
CA ALA A 117 -16.41 22.88 0.41
C ALA A 117 -17.27 22.97 -0.85
N HIS A 118 -17.94 24.11 -1.05
CA HIS A 118 -18.70 24.30 -2.28
C HIS A 118 -17.79 24.29 -3.51
N GLY A 119 -16.57 24.80 -3.37
CA GLY A 119 -15.63 24.76 -4.47
C GLY A 119 -15.23 23.35 -4.85
N PHE A 120 -14.96 22.51 -3.85
CA PHE A 120 -14.65 21.11 -4.12
C PHE A 120 -15.82 20.40 -4.78
N ALA A 121 -17.04 20.69 -4.31
CA ALA A 121 -18.23 20.06 -4.90
C ALA A 121 -18.36 20.42 -6.36
N ASP A 122 -18.05 21.67 -6.72
CA ASP A 122 -18.12 22.08 -8.12
C ASP A 122 -17.06 21.39 -8.96
N ILE A 123 -15.90 21.09 -8.36
CA ILE A 123 -14.86 20.35 -9.08
C ILE A 123 -15.26 18.89 -9.24
N TRP A 124 -15.78 18.29 -8.16
CA TRP A 124 -16.14 16.88 -8.22
C TRP A 124 -17.30 16.64 -9.17
N ARG A 125 -18.23 17.59 -9.25
CA ARG A 125 -19.34 17.47 -10.18
C ARG A 125 -18.83 17.44 -11.63
N ARG A 126 -17.92 18.36 -11.97
CA ARG A 126 -17.38 18.38 -13.32
C ARG A 126 -16.44 17.21 -13.59
N THR A 127 -15.78 16.69 -12.55
CA THR A 127 -14.87 15.57 -12.74
C THR A 127 -15.62 14.31 -13.14
N CYS A 128 -16.84 14.13 -12.61
CA CYS A 128 -17.59 12.90 -12.83
C CYS A 128 -18.36 12.88 -14.14
N GLU A 129 -18.63 14.04 -14.73
CA GLU A 129 -19.40 14.11 -15.96
C GLU A 129 -18.67 13.39 -17.08
N GLY A 130 -19.35 12.43 -17.71
CA GLY A 130 -18.80 11.69 -18.82
C GLY A 130 -17.95 10.49 -18.47
N MET A 131 -17.76 10.21 -17.18
CA MET A 131 -16.95 9.08 -16.74
C MET A 131 -17.84 7.95 -16.26
N THR A 132 -17.32 6.72 -16.34
CA THR A 132 -18.08 5.55 -15.92
C THR A 132 -18.34 5.61 -14.41
N PRO A 133 -19.41 4.96 -13.94
CA PRO A 133 -19.65 4.91 -12.49
C PRO A 133 -18.50 4.28 -11.72
N ALA A 134 -17.87 3.24 -12.27
CA ALA A 134 -16.75 2.61 -11.58
C ALA A 134 -15.56 3.56 -11.46
N TRP A 135 -15.37 4.43 -12.45
CA TRP A 135 -14.30 5.42 -12.34
C TRP A 135 -14.59 6.45 -11.27
N CYS A 136 -15.85 6.91 -11.18
CA CYS A 136 -16.20 7.90 -10.18
C CYS A 136 -16.05 7.33 -8.76
N ALA A 137 -16.46 6.07 -8.57
CA ALA A 137 -16.35 5.45 -7.26
C ALA A 137 -14.88 5.30 -6.85
N ARG A 138 -14.02 4.89 -7.78
CA ARG A 138 -12.61 4.73 -7.46
C ARG A 138 -11.96 6.08 -7.18
N SER A 139 -12.31 7.11 -7.95
CA SER A 139 -11.76 8.43 -7.69
C SER A 139 -12.29 9.03 -6.40
N ALA A 140 -13.53 8.71 -6.03
CA ALA A 140 -14.06 9.15 -4.74
C ALA A 140 -13.30 8.51 -3.59
N ARG A 141 -12.85 7.26 -3.76
CA ARG A 141 -12.02 6.63 -2.73
C ARG A 141 -10.66 7.30 -2.62
N HIS A 142 -10.11 7.78 -3.74
CA HIS A 142 -8.82 8.44 -3.70
C HIS A 142 -8.91 9.78 -2.97
N TRP A 143 -10.03 10.48 -3.12
CA TRP A 143 -10.22 11.74 -2.40
C TRP A 143 -10.31 11.49 -0.89
N ARG A 144 -10.99 10.42 -0.48
CA ARG A 144 -11.12 10.13 0.94
C ARG A 144 -9.77 9.78 1.56
N ASN A 145 -8.94 9.03 0.84
CA ASN A 145 -7.59 8.78 1.32
C ASN A 145 -6.80 10.08 1.42
N TYR A 146 -7.08 11.04 0.54
CA TYR A 146 -6.42 12.34 0.60
C TYR A 146 -6.87 13.13 1.83
N PHE A 147 -8.18 13.16 2.08
CA PHE A 147 -8.69 13.88 3.24
C PHE A 147 -8.31 13.17 4.54
N ASP A 148 -8.34 11.84 4.55
CA ASP A 148 -7.91 11.10 5.74
C ASP A 148 -6.44 11.34 6.05
N GLY A 149 -5.63 11.61 5.03
CA GLY A 149 -4.22 11.89 5.26
C GLY A 149 -4.00 13.19 6.00
N TYR A 150 -4.81 14.20 5.71
CA TYR A 150 -4.71 15.47 6.44
C TYR A 150 -4.98 15.28 7.92
N VAL A 151 -5.95 14.42 8.27
CA VAL A 151 -6.24 14.15 9.67
C VAL A 151 -5.10 13.38 10.31
N ASP A 152 -4.49 12.45 9.57
CA ASP A 152 -3.40 11.65 10.12
C ASP A 152 -2.18 12.51 10.40
N GLU A 153 -1.85 13.45 9.50
CA GLU A 153 -0.70 14.31 9.72
C GLU A 153 -0.96 15.31 10.83
N ALA A 154 -2.20 15.78 10.98
CA ALA A 154 -2.53 16.67 12.08
C ALA A 154 -2.37 15.97 13.42
N GLU A 155 -2.57 14.66 13.47
CA GLU A 155 -2.33 13.90 14.70
C GLU A 155 -0.83 13.80 14.98
N SER A 156 -0.02 13.62 13.94
CA SER A 156 1.42 13.52 14.14
C SER A 156 2.00 14.83 14.66
N ARG A 157 1.45 15.96 14.22
CA ARG A 157 1.91 17.25 14.72
C ARG A 157 1.42 17.51 16.14
N PHE A 158 0.35 16.85 16.57
CA PHE A 158 -0.17 17.07 17.91
C PHE A 158 0.72 16.40 18.97
N TRP A 159 1.18 15.18 18.69
CA TRP A 159 2.05 14.46 19.63
C TRP A 159 3.47 14.99 19.64
N ASN A 160 3.81 15.91 18.74
CA ASN A 160 5.14 16.52 18.67
C ASN A 160 6.23 15.46 18.46
N ALA A 161 5.89 14.36 17.80
CA ALA A 161 6.84 13.29 17.56
C ALA A 161 7.85 13.69 16.50
N ALA A 166 13.40 7.31 5.82
CA ALA A 166 12.67 6.42 6.69
C ALA A 166 11.27 6.14 6.15
N ALA A 167 10.87 4.87 6.20
CA ALA A 167 9.55 4.49 5.72
C ALA A 167 8.43 5.05 6.58
N GLN A 168 8.73 5.49 7.80
CA GLN A 168 7.70 6.12 8.64
C GLN A 168 7.22 7.42 8.02
N TYR A 169 8.13 8.18 7.40
CA TYR A 169 7.74 9.43 6.75
C TYR A 169 7.06 9.17 5.40
N LEU A 170 7.55 8.18 4.65
CA LEU A 170 6.97 7.89 3.34
C LEU A 170 5.54 7.39 3.46
N ALA A 171 5.27 6.51 4.44
CA ALA A 171 3.95 5.94 4.57
C ALA A 171 2.89 7.00 4.84
N MET A 172 3.26 8.10 5.48
CA MET A 172 2.31 9.17 5.76
C MET A 172 2.20 10.16 4.61
N ARG A 173 3.29 10.42 3.89
CA ARG A 173 3.26 11.39 2.80
C ARG A 173 2.64 10.82 1.51
N ARG A 174 2.60 9.49 1.37
CA ARG A 174 2.07 8.87 0.17
C ARG A 174 0.57 9.06 0.00
N HIS A 175 -0.09 9.79 0.91
CA HIS A 175 -1.50 10.12 0.79
C HIS A 175 -1.76 11.62 0.79
N THR A 176 -0.99 12.38 1.57
CA THR A 176 -1.19 13.82 1.67
C THR A 176 -0.59 14.61 0.52
N ILE A 177 0.33 14.01 -0.24
CA ILE A 177 0.95 14.71 -1.35
C ILE A 177 -0.07 15.03 -2.43
N GLY A 178 -1.15 14.24 -2.51
CA GLY A 178 -2.21 14.54 -3.47
C GLY A 178 -1.88 14.20 -4.90
N VAL A 179 -0.97 13.25 -5.13
CA VAL A 179 -0.59 12.90 -6.49
C VAL A 179 -1.71 12.15 -7.19
N GLN A 180 -2.32 11.18 -6.50
CA GLN A 180 -3.34 10.35 -7.15
C GLN A 180 -4.56 11.13 -7.60
N PRO A 181 -5.13 12.07 -6.83
CA PRO A 181 -6.23 12.88 -7.40
C PRO A 181 -5.80 13.72 -8.59
N THR A 182 -4.52 14.10 -8.65
CA THR A 182 -4.02 14.82 -9.82
C THR A 182 -3.99 13.91 -11.04
N VAL A 183 -3.48 12.68 -10.86
CA VAL A 183 -3.44 11.71 -11.96
C VAL A 183 -4.85 11.37 -12.42
N ASP A 184 -5.79 11.24 -11.47
CA ASP A 184 -7.16 10.92 -11.83
C ASP A 184 -7.74 11.97 -12.77
N LEU A 185 -7.42 13.24 -12.55
CA LEU A 185 -7.98 14.30 -13.39
C LEU A 185 -7.38 14.29 -14.79
N ALA A 186 -6.15 13.79 -14.94
CA ALA A 186 -5.57 13.67 -16.27
C ALA A 186 -6.41 12.77 -17.17
N GLU A 187 -7.04 11.74 -16.58
CA GLU A 187 -7.98 10.92 -17.34
C GLU A 187 -9.21 11.72 -17.74
N ARG A 188 -9.81 12.42 -16.76
CA ARG A 188 -10.99 13.24 -17.06
C ARG A 188 -10.66 14.36 -18.04
N ALA A 189 -9.50 15.00 -17.86
CA ALA A 189 -9.11 16.07 -18.77
C ALA A 189 -8.84 15.55 -20.17
N GLY A 190 -8.35 14.31 -20.29
CA GLY A 190 -8.12 13.70 -21.58
C GLY A 190 -9.29 12.91 -22.12
N ARG A 191 -10.37 12.79 -21.36
CA ARG A 191 -11.59 12.07 -21.76
C ARG A 191 -11.27 10.63 -22.14
N PHE A 192 -10.51 9.95 -21.28
CA PHE A 192 -10.22 8.54 -21.43
C PHE A 192 -10.14 7.92 -20.03
N GLU A 193 -10.16 6.59 -19.99
CA GLU A 193 -10.04 5.86 -18.74
C GLU A 193 -9.10 4.69 -18.94
N VAL A 194 -8.09 4.59 -18.08
CA VAL A 194 -7.22 3.41 -18.13
C VAL A 194 -8.05 2.18 -17.79
N PRO A 195 -7.82 1.03 -18.41
CA PRO A 195 -8.54 -0.18 -18.01
C PRO A 195 -8.45 -0.41 -16.51
N HIS A 196 -9.61 -0.59 -15.88
CA HIS A 196 -9.66 -0.64 -14.42
C HIS A 196 -8.85 -1.81 -13.87
N ARG A 197 -8.79 -2.94 -14.59
CA ARG A 197 -8.02 -4.07 -14.11
C ARG A 197 -6.51 -3.86 -14.28
N VAL A 198 -6.10 -2.99 -15.20
CA VAL A 198 -4.69 -2.67 -15.32
C VAL A 198 -4.28 -1.64 -14.27
N PHE A 199 -5.18 -0.72 -13.92
CA PHE A 199 -4.89 0.22 -12.83
C PHE A 199 -4.56 -0.54 -11.54
N ASP A 200 -5.32 -1.58 -11.23
CA ASP A 200 -5.11 -2.36 -10.02
C ASP A 200 -3.92 -3.31 -10.13
N SER A 201 -3.31 -3.43 -11.31
CA SER A 201 -2.21 -4.37 -11.49
C SER A 201 -0.99 -3.95 -10.66
N ALA A 202 -0.16 -4.94 -10.35
CA ALA A 202 1.02 -4.68 -9.54
C ALA A 202 2.01 -3.77 -10.25
N VAL A 203 2.11 -3.88 -11.58
CA VAL A 203 3.05 -3.07 -12.34
C VAL A 203 2.64 -1.60 -12.30
N MET A 204 1.37 -1.32 -12.60
CA MET A 204 0.89 0.06 -12.57
C MET A 204 0.90 0.60 -11.14
N SER A 205 0.61 -0.25 -10.16
CA SER A 205 0.66 0.17 -8.77
C SER A 205 2.07 0.59 -8.38
N ALA A 206 3.09 -0.13 -8.87
CA ALA A 206 4.47 0.23 -8.58
C ALA A 206 4.87 1.50 -9.31
N MET A 207 4.37 1.70 -10.53
CA MET A 207 4.64 2.93 -11.27
C MET A 207 4.04 4.13 -10.55
N LEU A 208 2.79 4.01 -10.09
CA LEU A 208 2.14 5.12 -9.40
C LEU A 208 2.84 5.44 -8.09
N GLN A 209 3.39 4.44 -7.41
CA GLN A 209 4.11 4.70 -6.16
C GLN A 209 5.40 5.47 -6.43
N ILE A 210 6.09 5.14 -7.52
CA ILE A 210 7.28 5.91 -7.90
C ILE A 210 6.91 7.37 -8.15
N ALA A 211 5.78 7.61 -8.82
CA ALA A 211 5.35 8.98 -9.07
C ALA A 211 5.11 9.74 -7.77
N VAL A 212 4.60 9.04 -6.75
CA VAL A 212 4.36 9.68 -5.46
C VAL A 212 5.67 9.91 -4.72
N ASP A 213 6.56 8.92 -4.73
CA ASP A 213 7.83 9.04 -4.02
C ASP A 213 8.67 10.17 -4.61
N VAL A 214 8.79 10.22 -5.94
CA VAL A 214 9.60 11.25 -6.57
C VAL A 214 9.01 12.63 -6.33
N ASN A 215 7.68 12.73 -6.27
CA ASN A 215 7.05 14.03 -6.06
C ASN A 215 7.32 14.56 -4.66
N LEU A 216 7.21 13.70 -3.64
CA LEU A 216 7.44 14.17 -2.28
C LEU A 216 8.92 14.42 -2.02
N LEU A 217 9.80 13.68 -2.69
CA LEU A 217 11.23 13.95 -2.56
C LEU A 217 11.60 15.28 -3.21
N LEU A 218 11.14 15.51 -4.44
CA LEU A 218 11.42 16.76 -5.12
C LEU A 218 10.75 17.95 -4.43
N ASN A 219 9.64 17.71 -3.73
CA ASN A 219 8.97 18.78 -3.01
C ASN A 219 9.72 19.18 -1.74
N ASP A 220 10.38 18.22 -1.09
CA ASP A 220 11.17 18.55 0.09
C ASP A 220 12.43 19.31 -0.26
N ILE A 221 12.99 19.07 -1.46
CA ILE A 221 14.17 19.82 -1.89
C ILE A 221 13.81 21.28 -2.10
N ALA A 222 12.68 21.55 -2.75
CA ALA A 222 12.24 22.91 -3.01
C ALA A 222 11.64 23.58 -1.79
N SER A 223 11.39 22.84 -0.71
CA SER A 223 10.83 23.39 0.52
C SER A 223 11.80 23.33 1.69
N LEU A 224 13.09 23.08 1.43
CA LEU A 224 14.05 22.96 2.51
C LEU A 224 14.34 24.31 3.16
N GLU A 225 14.44 25.37 2.36
CA GLU A 225 14.81 26.66 2.91
C GLU A 225 13.67 27.28 3.73
N LYS A 226 12.44 27.21 3.22
CA LYS A 226 11.31 27.76 3.95
C LYS A 226 11.04 27.00 5.24
N GLU A 227 11.22 25.68 5.21
CA GLU A 227 11.02 24.89 6.41
C GLU A 227 12.17 25.04 7.39
N GLU A 228 13.37 25.34 6.89
CA GLU A 228 14.50 25.59 7.79
C GLU A 228 14.28 26.84 8.63
N ALA A 229 13.61 27.86 8.07
CA ALA A 229 13.28 29.04 8.85
C ALA A 229 12.24 28.72 9.92
N ARG A 230 11.25 27.90 9.58
CA ARG A 230 10.22 27.51 10.53
C ARG A 230 10.73 26.42 11.46
N ASN A 235 10.61 16.94 7.08
CA ASN A 235 11.31 16.92 5.80
C ASN A 235 12.20 15.68 5.71
N MET A 236 12.27 15.09 4.51
CA MET A 236 13.04 13.86 4.33
C MET A 236 14.53 14.08 4.58
N VAL A 237 15.02 15.30 4.33
CA VAL A 237 16.42 15.59 4.57
C VAL A 237 16.77 15.55 6.05
N MET A 238 15.78 15.74 6.92
CA MET A 238 16.01 15.70 8.36
C MET A 238 15.67 14.32 8.93
N GLY A 245 20.58 9.55 10.66
CA GLY A 245 20.89 10.85 10.11
C GLY A 245 22.35 11.25 10.29
N TRP A 246 22.93 11.84 9.25
CA TRP A 246 24.33 12.27 9.29
C TRP A 246 24.59 13.26 8.16
N SER A 247 24.99 14.48 8.53
CA SER A 247 25.41 15.52 7.59
C SER A 247 24.29 15.98 6.66
N LYS A 248 24.58 17.00 5.86
CA LYS A 248 23.69 17.49 4.82
C LYS A 248 24.42 17.43 3.48
N SER A 249 23.77 17.96 2.43
CA SER A 249 24.26 17.89 1.05
C SER A 249 24.41 16.45 0.59
N ARG A 250 25.18 15.64 1.33
CA ARG A 250 25.21 14.21 1.06
C ARG A 250 23.84 13.59 1.24
N SER A 251 23.06 14.09 2.20
CA SER A 251 21.67 13.65 2.33
C SER A 251 20.86 14.06 1.11
N VAL A 252 21.10 15.27 0.60
CA VAL A 252 20.48 15.68 -0.66
C VAL A 252 20.98 14.79 -1.80
N SER A 253 22.27 14.44 -1.78
CA SER A 253 22.81 13.54 -2.78
C SER A 253 22.22 12.14 -2.66
N HIS A 254 21.90 11.71 -1.44
CA HIS A 254 21.24 10.41 -1.26
C HIS A 254 19.84 10.42 -1.84
N MET A 255 19.07 11.47 -1.55
CA MET A 255 17.74 11.60 -2.13
C MET A 255 17.82 11.79 -3.64
N GLN A 256 18.85 12.50 -4.11
CA GLN A 256 19.04 12.67 -5.55
C GLN A 256 19.31 11.33 -6.23
N ASN A 257 20.00 10.42 -5.55
CA ASN A 257 20.17 9.08 -6.09
C ASN A 257 18.91 8.24 -5.99
N GLU A 258 18.08 8.52 -4.97
CA GLU A 258 16.84 7.76 -4.81
C GLU A 258 15.86 8.06 -5.94
N VAL A 259 15.78 9.31 -6.38
CA VAL A 259 14.92 9.61 -7.52
C VAL A 259 15.52 9.06 -8.81
N ARG A 260 16.85 8.90 -8.85
CA ARG A 260 17.48 8.32 -10.04
C ARG A 260 17.22 6.82 -10.09
N ALA A 261 17.33 6.13 -8.95
CA ALA A 261 17.04 4.70 -8.91
C ALA A 261 15.57 4.45 -9.21
N ARG A 262 14.67 5.27 -8.66
CA ARG A 262 13.24 5.08 -8.89
C ARG A 262 12.87 5.38 -10.33
N LEU A 263 13.54 6.37 -10.95
CA LEU A 263 13.25 6.68 -12.35
C LEU A 263 13.76 5.57 -13.27
N GLU A 264 14.91 4.98 -12.93
CA GLU A 264 15.39 3.84 -13.71
C GLU A 264 14.49 2.63 -13.55
N GLN A 265 13.98 2.40 -12.33
CA GLN A 265 13.02 1.34 -12.12
C GLN A 265 11.70 1.64 -12.83
N TYR A 266 11.30 2.92 -12.89
CA TYR A 266 10.08 3.28 -13.60
C TYR A 266 10.17 2.93 -15.08
N LEU A 267 11.34 3.15 -15.69
CA LEU A 267 11.51 2.78 -17.09
C LEU A 267 11.45 1.27 -17.28
N LEU A 268 12.00 0.51 -16.33
CA LEU A 268 11.87 -0.95 -16.37
C LEU A 268 10.40 -1.36 -16.34
N LEU A 269 9.62 -0.76 -15.44
CA LEU A 269 8.20 -1.11 -15.33
C LEU A 269 7.42 -0.70 -16.57
N GLU A 270 7.80 0.40 -17.21
CA GLU A 270 7.11 0.82 -18.43
C GLU A 270 7.26 -0.22 -19.54
N SER A 271 8.42 -0.87 -19.62
CA SER A 271 8.65 -1.87 -20.65
C SER A 271 7.86 -3.15 -20.40
N CYS A 272 7.36 -3.34 -19.17
CA CYS A 272 6.52 -4.51 -18.88
C CYS A 272 5.09 -4.32 -19.35
N LEU A 273 4.67 -3.09 -19.62
CA LEU A 273 3.27 -2.84 -19.98
C LEU A 273 2.79 -3.60 -21.21
N PRO A 274 3.57 -3.76 -22.28
CA PRO A 274 3.09 -4.61 -23.39
C PRO A 274 2.69 -6.01 -22.96
N LYS A 275 3.50 -6.66 -22.14
CA LYS A 275 3.14 -8.00 -21.66
C LYS A 275 2.02 -7.93 -20.62
N VAL A 276 1.94 -6.83 -19.87
CA VAL A 276 0.84 -6.66 -18.92
C VAL A 276 -0.49 -6.55 -19.66
N GLY A 277 -0.50 -5.83 -20.79
CA GLY A 277 -1.70 -5.75 -21.60
C GLY A 277 -2.18 -7.09 -22.11
N GLU A 278 -1.25 -7.99 -22.45
CA GLU A 278 -1.64 -9.32 -22.90
C GLU A 278 -2.16 -10.16 -21.73
N ILE A 279 -1.54 -10.02 -20.56
CA ILE A 279 -1.98 -10.77 -19.38
C ILE A 279 -3.44 -10.46 -19.07
N TYR A 280 -3.82 -9.18 -19.17
CA TYR A 280 -5.19 -8.77 -18.93
C TYR A 280 -6.03 -8.72 -20.21
N GLN A 281 -5.47 -9.18 -21.33
CA GLN A 281 -6.21 -9.35 -22.58
C GLN A 281 -6.90 -8.06 -23.02
N LEU A 282 -6.13 -6.97 -23.03
CA LEU A 282 -6.66 -5.70 -23.49
C LEU A 282 -6.91 -5.73 -24.99
N ASP A 283 -8.00 -5.10 -25.42
CA ASP A 283 -8.25 -4.97 -26.86
C ASP A 283 -7.52 -3.74 -27.41
N THR A 284 -7.91 -3.31 -28.61
CA THR A 284 -7.20 -2.18 -29.23
C THR A 284 -7.48 -0.88 -28.50
N ALA A 285 -8.73 -0.62 -28.13
CA ALA A 285 -9.06 0.62 -27.43
C ALA A 285 -8.45 0.64 -26.04
N GLU A 286 -8.46 -0.50 -25.35
CA GLU A 286 -7.88 -0.55 -24.00
C GLU A 286 -6.37 -0.38 -24.02
N ARG A 287 -5.71 -0.90 -25.06
CA ARG A 287 -4.27 -0.71 -25.17
C ARG A 287 -3.94 0.76 -25.44
N GLU A 288 -4.77 1.44 -26.23
CA GLU A 288 -4.56 2.86 -26.49
C GLU A 288 -4.80 3.69 -25.23
N ALA A 289 -5.82 3.33 -24.45
CA ALA A 289 -6.10 4.06 -23.22
C ALA A 289 -4.97 3.88 -22.21
N LEU A 290 -4.43 2.66 -22.10
CA LEU A 290 -3.30 2.43 -21.22
C LEU A 290 -2.09 3.25 -21.65
N GLU A 291 -1.88 3.39 -22.96
CA GLU A 291 -0.76 4.18 -23.45
C GLU A 291 -0.98 5.66 -23.16
N ARG A 292 -2.23 6.15 -23.29
CA ARG A 292 -2.52 7.53 -22.92
C ARG A 292 -2.33 7.74 -21.43
N TYR A 293 -2.71 6.75 -20.61
CA TYR A 293 -2.52 6.87 -19.17
C TYR A 293 -1.03 6.92 -18.81
N ARG A 294 -0.20 6.23 -19.58
CA ARG A 294 1.23 6.20 -19.29
C ARG A 294 1.89 7.54 -19.61
N THR A 295 1.54 8.15 -20.74
CA THR A 295 2.21 9.36 -21.20
C THR A 295 1.53 10.63 -20.69
N ASP A 296 0.20 10.65 -20.60
CA ASP A 296 -0.52 11.87 -20.26
C ASP A 296 -0.90 11.96 -18.79
N ALA A 297 -0.77 10.89 -18.02
CA ALA A 297 -1.17 10.91 -16.62
C ALA A 297 -0.03 10.60 -15.67
N VAL A 298 0.72 9.53 -15.91
CA VAL A 298 1.80 9.13 -15.01
C VAL A 298 3.09 9.88 -15.30
N ARG A 299 3.51 9.92 -16.57
CA ARG A 299 4.72 10.66 -16.92
C ARG A 299 4.57 12.14 -16.64
N THR A 300 3.36 12.68 -16.89
CA THR A 300 3.16 14.11 -16.71
C THR A 300 3.19 14.52 -15.25
N VAL A 301 2.69 13.66 -14.35
CA VAL A 301 2.69 14.01 -12.93
C VAL A 301 4.10 13.95 -12.36
N ILE A 302 5.02 13.24 -13.02
CA ILE A 302 6.40 13.16 -12.58
C ILE A 302 7.19 14.33 -13.15
N ARG A 303 7.19 14.45 -14.48
CA ARG A 303 7.95 15.51 -15.14
C ARG A 303 7.33 16.89 -14.89
N GLY A 304 6.01 16.97 -14.79
CA GLY A 304 5.36 18.27 -14.68
C GLY A 304 5.78 19.04 -13.45
N SER A 305 5.88 18.36 -12.30
CA SER A 305 6.28 19.03 -11.07
C SER A 305 7.76 19.39 -11.08
N TYR A 306 8.58 18.68 -11.85
CA TYR A 306 10.00 19.02 -11.93
C TYR A 306 10.20 20.30 -12.76
N ASP A 307 9.57 20.37 -13.93
CA ASP A 307 9.68 21.56 -14.77
C ASP A 307 9.00 22.76 -14.11
N TRP A 308 8.01 22.52 -13.25
CA TRP A 308 7.33 23.62 -12.59
C TRP A 308 8.19 24.25 -11.50
N HIS A 309 8.93 23.41 -10.76
CA HIS A 309 9.85 23.91 -9.74
C HIS A 309 11.03 24.67 -10.32
N ARG A 310 11.20 24.66 -11.64
CA ARG A 310 12.32 25.33 -12.31
C ARG A 310 11.81 26.44 -13.24
N SER A 311 10.67 27.04 -12.91
CA SER A 311 10.10 28.10 -13.72
C SER A 311 10.95 29.37 -13.64
N VAL B 5 -11.74 -26.07 -7.41
CA VAL B 5 -11.08 -24.76 -7.48
C VAL B 5 -9.57 -24.93 -7.52
N ASP B 6 -8.96 -24.58 -8.64
CA ASP B 6 -7.51 -24.67 -8.81
C ASP B 6 -6.98 -23.33 -9.29
N PHE B 7 -5.67 -23.13 -9.10
CA PHE B 7 -5.02 -21.87 -9.41
C PHE B 7 -3.76 -22.10 -10.23
N HIS B 8 -3.42 -21.10 -11.03
CA HIS B 8 -2.25 -21.16 -11.92
C HIS B 8 -1.09 -20.46 -11.23
N ILE B 9 -0.14 -21.24 -10.73
CA ILE B 9 1.09 -20.67 -10.19
C ILE B 9 2.28 -21.43 -10.76
N PRO B 10 3.05 -20.82 -11.66
CA PRO B 10 4.24 -21.49 -12.24
C PRO B 10 5.46 -21.36 -11.33
N LEU B 11 5.38 -22.01 -10.16
CA LEU B 11 6.46 -22.01 -9.19
C LEU B 11 6.70 -23.44 -8.72
N PRO B 12 7.96 -23.81 -8.48
CA PRO B 12 8.25 -25.18 -8.06
C PRO B 12 7.87 -25.42 -6.59
N GLY B 13 7.28 -26.60 -6.36
CA GLY B 13 6.94 -26.98 -5.00
C GLY B 13 8.16 -27.54 -4.28
N ARG B 14 8.37 -27.10 -3.04
CA ARG B 14 9.53 -27.50 -2.27
C ARG B 14 9.10 -27.85 -0.84
N GLN B 15 9.98 -28.55 -0.14
CA GLN B 15 9.74 -28.95 1.24
C GLN B 15 11.07 -29.30 1.88
N SER B 16 11.25 -28.84 3.12
CA SER B 16 12.48 -29.12 3.84
C SER B 16 12.61 -30.61 4.12
N PRO B 17 13.81 -31.17 4.02
CA PRO B 17 13.98 -32.61 4.33
C PRO B 17 13.76 -32.94 5.78
N ASP B 18 13.88 -31.97 6.69
CA ASP B 18 13.66 -32.17 8.11
C ASP B 18 12.20 -31.97 8.52
N HIS B 19 11.25 -32.22 7.60
CA HIS B 19 9.85 -31.95 7.90
C HIS B 19 9.26 -32.97 8.86
N ALA B 20 9.70 -34.23 8.78
CA ALA B 20 9.14 -35.26 9.64
C ALA B 20 9.48 -35.03 11.10
N ARG B 21 10.71 -34.59 11.38
CA ARG B 21 11.12 -34.35 12.76
C ARG B 21 10.38 -33.17 13.36
N ALA B 22 10.32 -32.06 12.63
CA ALA B 22 9.63 -30.88 13.13
C ALA B 22 8.14 -31.13 13.30
N GLU B 23 7.57 -32.02 12.50
CA GLU B 23 6.15 -32.34 12.62
C GLU B 23 5.85 -33.07 13.93
N ALA B 24 6.76 -33.95 14.36
CA ALA B 24 6.53 -34.74 15.55
C ALA B 24 6.82 -33.95 16.82
N GLU B 25 7.69 -32.95 16.75
CA GLU B 25 8.10 -32.18 17.93
C GLU B 25 7.40 -30.83 18.00
N GLN B 26 6.33 -30.62 17.23
CA GLN B 26 5.70 -29.31 17.16
C GLN B 26 4.91 -28.97 18.42
N LEU B 27 4.51 -29.96 19.21
CA LEU B 27 3.67 -29.69 20.38
C LEU B 27 4.49 -29.31 21.61
N ALA B 28 5.79 -29.56 21.62
CA ALA B 28 6.60 -29.32 22.81
C ALA B 28 6.65 -27.83 23.16
N TRP B 29 6.85 -26.96 22.15
CA TRP B 29 6.98 -25.54 22.44
C TRP B 29 5.68 -24.93 22.97
N PRO B 30 4.52 -25.11 22.31
CA PRO B 30 3.30 -24.50 22.87
C PRO B 30 2.86 -25.12 24.19
N ARG B 31 3.23 -26.37 24.45
CA ARG B 31 2.92 -26.98 25.74
C ARG B 31 3.71 -26.33 26.86
N SER B 32 4.99 -26.03 26.61
CA SER B 32 5.82 -25.39 27.62
C SER B 32 5.36 -23.99 27.96
N LEU B 33 4.54 -23.38 27.11
CA LEU B 33 4.01 -22.04 27.35
C LEU B 33 2.58 -22.06 27.88
N GLY B 34 1.97 -23.24 28.02
CA GLY B 34 0.60 -23.34 28.46
C GLY B 34 -0.44 -23.05 27.41
N LEU B 35 -0.03 -22.82 26.15
CA LEU B 35 -0.99 -22.53 25.09
C LEU B 35 -1.78 -23.77 24.70
N ILE B 36 -1.18 -24.95 24.84
CA ILE B 36 -1.82 -26.22 24.55
C ILE B 36 -1.54 -27.15 25.73
N ARG B 37 -2.60 -27.67 26.35
CA ARG B 37 -2.39 -28.55 27.50
C ARG B 37 -3.33 -29.76 27.47
N SER B 38 -4.57 -29.57 27.05
CA SER B 38 -5.50 -30.69 26.94
C SER B 38 -5.20 -31.48 25.67
N ASP B 39 -5.41 -32.80 25.75
CA ASP B 39 -5.14 -33.67 24.60
C ASP B 39 -6.04 -33.33 23.42
N ALA B 40 -7.26 -32.88 23.68
CA ALA B 40 -8.15 -32.46 22.60
C ALA B 40 -7.60 -31.22 21.89
N ALA B 41 -7.03 -30.29 22.66
CA ALA B 41 -6.42 -29.11 22.04
C ALA B 41 -5.19 -29.47 21.24
N ALA B 42 -4.46 -30.51 21.66
CA ALA B 42 -3.30 -30.95 20.89
C ALA B 42 -3.73 -31.57 19.56
N GLU B 43 -4.78 -32.38 19.57
CA GLU B 43 -5.27 -32.97 18.34
C GLU B 43 -5.81 -31.91 17.38
N ARG B 44 -6.51 -30.91 17.93
CA ARG B 44 -6.96 -29.79 17.11
C ARG B 44 -5.79 -29.07 16.46
N HIS B 45 -4.68 -28.95 17.18
CA HIS B 45 -3.50 -28.29 16.64
C HIS B 45 -2.83 -29.13 15.55
N LEU B 46 -2.87 -30.46 15.70
CA LEU B 46 -2.24 -31.32 14.69
C LEU B 46 -3.04 -31.35 13.40
N ARG B 47 -4.37 -31.25 13.48
CA ARG B 47 -5.19 -31.27 12.28
C ARG B 47 -4.95 -30.04 11.39
N GLY B 48 -4.32 -29.00 11.93
CA GLY B 48 -4.02 -27.82 11.13
C GLY B 48 -2.84 -27.99 10.19
N GLY B 49 -1.94 -28.92 10.48
CA GLY B 49 -0.77 -29.11 9.64
C GLY B 49 0.15 -27.91 9.62
N TYR B 50 0.36 -27.29 10.78
CA TYR B 50 1.14 -26.05 10.84
C TYR B 50 2.63 -26.33 10.65
N ALA B 51 3.11 -27.49 11.09
CA ALA B 51 4.50 -27.85 10.82
C ALA B 51 4.72 -28.11 9.34
N ASP B 52 3.77 -28.79 8.69
CA ASP B 52 3.86 -28.99 7.25
C ASP B 52 3.80 -27.66 6.50
N LEU B 53 3.04 -26.69 7.02
CA LEU B 53 3.01 -25.37 6.41
C LEU B 53 4.36 -24.67 6.54
N ALA B 54 5.01 -24.81 7.69
CA ALA B 54 6.31 -24.18 7.89
C ALA B 54 7.40 -24.87 7.07
N SER B 55 7.26 -26.17 6.83
CA SER B 55 8.25 -26.89 6.04
C SER B 55 8.22 -26.50 4.57
N ARG B 56 7.10 -25.96 4.10
CA ARG B 56 7.00 -25.45 2.73
C ARG B 56 7.29 -23.96 2.63
N PHE B 57 7.03 -23.20 3.70
CA PHE B 57 7.45 -21.80 3.72
C PHE B 57 8.97 -21.68 3.82
N TYR B 58 9.62 -22.61 4.52
CA TYR B 58 11.06 -22.58 4.75
C TYR B 58 11.67 -23.93 4.41
N PRO B 59 11.72 -24.29 3.12
CA PRO B 59 12.37 -25.55 2.74
C PRO B 59 13.88 -25.53 2.88
N HIS B 60 14.47 -24.36 3.07
CA HIS B 60 15.91 -24.21 3.23
C HIS B 60 16.35 -24.26 4.68
N ALA B 61 15.44 -24.58 5.60
CA ALA B 61 15.71 -24.58 7.03
C ALA B 61 15.61 -25.98 7.59
N THR B 62 16.50 -26.29 8.54
CA THR B 62 16.50 -27.59 9.21
C THR B 62 16.78 -27.38 10.69
N GLY B 63 16.47 -28.40 11.48
CA GLY B 63 16.81 -28.37 12.90
C GLY B 63 16.10 -27.25 13.63
N ALA B 64 16.89 -26.46 14.37
CA ALA B 64 16.31 -25.37 15.16
C ALA B 64 15.79 -24.24 14.29
N ASP B 65 16.37 -24.05 13.10
CA ASP B 65 15.87 -23.03 12.19
C ASP B 65 14.47 -23.36 11.71
N LEU B 66 14.19 -24.64 11.47
CA LEU B 66 12.84 -25.04 11.08
C LEU B 66 11.89 -25.01 12.27
N ASP B 67 12.38 -25.33 13.47
CA ASP B 67 11.53 -25.30 14.66
C ASP B 67 11.04 -23.88 14.96
N LEU B 68 11.85 -22.87 14.66
CA LEU B 68 11.39 -21.50 14.84
C LEU B 68 10.27 -21.17 13.87
N GLY B 69 10.35 -21.70 12.64
CA GLY B 69 9.26 -21.51 11.69
C GLY B 69 8.00 -22.25 12.09
N VAL B 70 8.17 -23.46 12.65
CA VAL B 70 7.01 -24.21 13.14
C VAL B 70 6.40 -23.50 14.34
N ASP B 71 7.24 -22.98 15.24
CA ASP B 71 6.72 -22.24 16.40
C ASP B 71 6.02 -20.96 15.97
N LEU B 72 6.51 -20.31 14.91
CA LEU B 72 5.84 -19.11 14.41
C LEU B 72 4.46 -19.44 13.86
N MET B 73 4.35 -20.52 13.08
CA MET B 73 3.05 -20.94 12.59
C MET B 73 2.15 -21.37 13.73
N SER B 74 2.68 -22.14 14.68
CA SER B 74 1.89 -22.58 15.82
C SER B 74 1.39 -21.39 16.64
N TRP B 75 2.24 -20.39 16.85
CA TRP B 75 1.84 -19.24 17.64
C TRP B 75 0.79 -18.40 16.93
N ALA B 76 0.95 -18.21 15.61
CA ALA B 76 0.05 -17.32 14.88
C ALA B 76 -1.38 -17.86 14.89
N PHE B 77 -1.54 -19.17 14.69
CA PHE B 77 -2.88 -19.74 14.71
C PHE B 77 -3.45 -19.77 16.13
N LEU B 78 -2.60 -20.04 17.13
CA LEU B 78 -3.05 -19.97 18.51
C LEU B 78 -3.38 -18.54 18.91
N PHE B 79 -2.59 -17.57 18.43
CA PHE B 79 -2.90 -16.17 18.71
C PHE B 79 -4.19 -15.74 18.01
N ASP B 80 -4.49 -16.33 16.85
CA ASP B 80 -5.68 -15.94 16.12
C ASP B 80 -6.96 -16.44 16.79
N ASP B 81 -6.87 -17.53 17.57
CA ASP B 81 -8.04 -18.05 18.26
C ASP B 81 -8.58 -17.05 19.27
N LEU B 82 -7.71 -16.23 19.86
CA LEU B 82 -8.10 -15.31 20.93
C LEU B 82 -8.99 -14.17 20.45
N PHE B 83 -9.30 -14.10 19.16
CA PHE B 83 -10.11 -13.01 18.62
C PHE B 83 -11.34 -13.52 17.88
N ASP B 84 -11.67 -14.80 18.01
CA ASP B 84 -12.84 -15.35 17.34
C ASP B 84 -14.15 -15.02 18.07
N GLY B 85 -14.07 -14.45 19.27
CA GLY B 85 -15.25 -14.18 20.05
C GLY B 85 -15.56 -12.69 20.15
N PRO B 86 -16.01 -12.25 21.33
CA PRO B 86 -16.40 -10.84 21.49
C PRO B 86 -15.21 -9.88 21.42
N ARG B 87 -14.00 -10.33 21.77
CA ARG B 87 -12.85 -9.43 21.69
C ARG B 87 -12.59 -8.98 20.25
N GLY B 88 -12.71 -9.91 19.30
CA GLY B 88 -12.49 -9.60 17.90
C GLY B 88 -13.51 -8.64 17.30
N GLU B 89 -14.56 -8.31 18.04
CA GLU B 89 -15.58 -7.37 17.57
C GLU B 89 -15.57 -6.06 18.36
N ASN B 90 -14.57 -5.85 19.22
CA ASN B 90 -14.41 -4.62 19.97
C ASN B 90 -12.97 -4.16 19.81
N PRO B 91 -12.71 -2.98 19.24
CA PRO B 91 -11.32 -2.55 19.02
C PRO B 91 -10.57 -2.25 20.31
N GLU B 92 -11.27 -1.87 21.38
CA GLU B 92 -10.58 -1.57 22.62
C GLU B 92 -10.14 -2.84 23.34
N ASP B 93 -11.00 -3.86 23.38
CA ASP B 93 -10.61 -5.14 23.98
C ASP B 93 -9.50 -5.81 23.17
N THR B 94 -9.54 -5.67 21.85
CA THR B 94 -8.48 -6.21 21.02
C THR B 94 -7.15 -5.53 21.29
N LYS B 95 -7.16 -4.19 21.35
CA LYS B 95 -5.91 -3.46 21.56
C LYS B 95 -5.32 -3.74 22.94
N GLN B 96 -6.16 -4.13 23.90
CA GLN B 96 -5.66 -4.50 25.22
C GLN B 96 -4.78 -5.74 25.13
N LEU B 97 -5.16 -6.72 24.29
CA LEU B 97 -4.39 -7.95 24.16
C LEU B 97 -3.24 -7.80 23.18
N THR B 98 -3.39 -7.00 22.13
CA THR B 98 -2.32 -6.86 21.15
C THR B 98 -1.18 -5.99 21.69
N ASP B 99 -1.47 -5.08 22.61
CA ASP B 99 -0.42 -4.24 23.18
C ASP B 99 0.45 -5.02 24.16
N GLN B 100 -0.12 -5.97 24.89
CA GLN B 100 0.68 -6.81 25.77
C GLN B 100 1.59 -7.73 24.97
N VAL B 101 1.21 -8.06 23.74
CA VAL B 101 2.05 -8.93 22.91
C VAL B 101 3.10 -8.10 22.18
N ALA B 102 2.70 -6.93 21.67
CA ALA B 102 3.64 -6.04 20.98
C ALA B 102 4.67 -5.45 21.94
N ALA B 103 4.41 -5.49 23.24
CA ALA B 103 5.36 -4.96 24.22
C ALA B 103 6.68 -5.74 24.22
N ALA B 104 6.66 -6.98 23.74
CA ALA B 104 7.90 -7.76 23.63
C ALA B 104 8.87 -7.17 22.63
N LEU B 105 8.38 -6.36 21.69
CA LEU B 105 9.25 -5.72 20.72
C LEU B 105 10.07 -4.59 21.34
N ASP B 106 9.61 -4.02 22.46
CA ASP B 106 10.25 -2.88 23.08
C ASP B 106 11.14 -3.25 24.26
N GLY B 107 11.03 -4.47 24.78
CA GLY B 107 11.82 -4.89 25.91
C GLY B 107 11.28 -6.14 26.56
N PRO B 108 11.76 -6.45 27.77
CA PRO B 108 11.29 -7.65 28.47
C PRO B 108 9.82 -7.55 28.85
N LEU B 109 9.21 -8.71 29.00
CA LEU B 109 7.80 -8.75 29.38
C LEU B 109 7.65 -9.08 30.85
N PRO B 110 6.69 -8.46 31.53
CA PRO B 110 6.42 -8.82 32.92
C PRO B 110 5.82 -10.22 33.01
N ASP B 111 6.08 -10.89 34.13
CA ASP B 111 5.57 -12.24 34.32
C ASP B 111 4.05 -12.28 34.39
N THR B 112 3.40 -11.14 34.62
CA THR B 112 1.95 -11.05 34.63
C THR B 112 1.35 -11.00 33.23
N ALA B 113 2.18 -10.97 32.19
CA ALA B 113 1.68 -10.95 30.83
C ALA B 113 1.05 -12.31 30.49
N PRO B 114 0.09 -12.33 29.57
CA PRO B 114 -0.56 -13.59 29.21
C PRO B 114 0.45 -14.54 28.60
N PRO B 115 0.22 -15.85 28.71
CA PRO B 115 1.15 -16.82 28.12
C PRO B 115 1.29 -16.69 26.61
N ILE B 116 0.28 -16.15 25.93
CA ILE B 116 0.39 -15.93 24.49
C ILE B 116 1.42 -14.85 24.19
N ALA B 117 1.63 -13.92 25.13
CA ALA B 117 2.62 -12.87 24.93
C ALA B 117 4.03 -13.40 25.18
N HIS B 118 4.20 -14.28 26.17
CA HIS B 118 5.51 -14.85 26.43
C HIS B 118 5.96 -15.75 25.30
N GLY B 119 5.03 -16.43 24.63
CA GLY B 119 5.40 -17.22 23.47
C GLY B 119 5.88 -16.37 22.31
N PHE B 120 5.28 -15.19 22.15
CA PHE B 120 5.73 -14.26 21.10
C PHE B 120 7.11 -13.70 21.43
N ALA B 121 7.37 -13.42 22.72
CA ALA B 121 8.67 -12.91 23.11
C ALA B 121 9.77 -13.94 22.89
N ASP B 122 9.46 -15.21 23.10
CA ASP B 122 10.43 -16.27 22.82
C ASP B 122 10.75 -16.34 21.34
N ILE B 123 9.73 -16.20 20.49
CA ILE B 123 9.95 -16.24 19.04
C ILE B 123 10.74 -15.02 18.60
N TRP B 124 10.37 -13.83 19.10
CA TRP B 124 11.07 -12.61 18.70
C TRP B 124 12.51 -12.60 19.20
N ARG B 125 12.78 -13.30 20.31
CA ARG B 125 14.17 -13.42 20.79
C ARG B 125 14.99 -14.25 19.82
N ARG B 126 14.48 -15.40 19.40
CA ARG B 126 15.21 -16.27 18.48
C ARG B 126 15.26 -15.67 17.07
N THR B 127 14.29 -14.82 16.72
CA THR B 127 14.28 -14.24 15.38
C THR B 127 15.40 -13.23 15.19
N CYS B 128 15.73 -12.49 16.26
CA CYS B 128 16.78 -11.47 16.19
C CYS B 128 18.18 -12.03 16.41
N GLU B 129 18.32 -13.35 16.56
CA GLU B 129 19.63 -13.95 16.78
C GLU B 129 20.45 -13.88 15.50
N GLY B 130 21.55 -13.14 15.54
CA GLY B 130 22.43 -13.03 14.40
C GLY B 130 21.91 -12.16 13.27
N MET B 131 21.08 -11.17 13.58
CA MET B 131 20.51 -10.27 12.60
C MET B 131 20.94 -8.84 12.90
N THR B 132 21.08 -8.05 11.84
CA THR B 132 21.53 -6.67 11.99
C THR B 132 20.46 -5.86 12.74
N PRO B 133 20.89 -4.85 13.51
CA PRO B 133 19.90 -4.00 14.21
C PRO B 133 18.94 -3.29 13.27
N ALA B 134 19.34 -3.05 12.02
CA ALA B 134 18.42 -2.47 11.06
C ALA B 134 17.39 -3.49 10.58
N TRP B 135 17.75 -4.77 10.56
CA TRP B 135 16.79 -5.80 10.18
C TRP B 135 15.77 -6.04 11.29
N CYS B 136 16.22 -5.99 12.54
CA CYS B 136 15.31 -6.19 13.67
C CYS B 136 14.32 -5.05 13.79
N ALA B 137 14.78 -3.81 13.54
CA ALA B 137 13.88 -2.67 13.59
C ALA B 137 12.85 -2.71 12.46
N ARG B 138 13.23 -3.24 11.31
CA ARG B 138 12.29 -3.36 10.20
C ARG B 138 11.31 -4.51 10.40
N SER B 139 11.78 -5.61 10.99
CA SER B 139 10.89 -6.74 11.24
C SER B 139 9.92 -6.44 12.37
N ALA B 140 10.38 -5.75 13.42
CA ALA B 140 9.48 -5.34 14.49
C ALA B 140 8.44 -4.35 13.98
N ARG B 141 8.83 -3.50 13.04
CA ARG B 141 7.87 -2.59 12.40
C ARG B 141 6.80 -3.38 11.66
N HIS B 142 7.18 -4.50 11.04
CA HIS B 142 6.20 -5.35 10.36
C HIS B 142 5.24 -5.99 11.35
N TRP B 143 5.73 -6.34 12.54
CA TRP B 143 4.86 -6.93 13.56
C TRP B 143 3.82 -5.94 14.05
N ARG B 144 4.20 -4.66 14.19
CA ARG B 144 3.25 -3.66 14.65
C ARG B 144 2.12 -3.47 13.65
N ASN B 145 2.44 -3.47 12.35
CA ASN B 145 1.39 -3.42 11.34
C ASN B 145 0.47 -4.63 11.45
N TYR B 146 1.03 -5.79 11.77
CA TYR B 146 0.22 -6.99 11.97
C TYR B 146 -0.70 -6.84 13.18
N PHE B 147 -0.15 -6.35 14.30
CA PHE B 147 -0.97 -6.17 15.49
C PHE B 147 -1.97 -5.04 15.32
N ASP B 148 -1.57 -3.95 14.65
CA ASP B 148 -2.50 -2.86 14.37
C ASP B 148 -3.64 -3.32 13.47
N GLY B 149 -3.38 -4.33 12.63
CA GLY B 149 -4.42 -4.82 11.74
C GLY B 149 -5.55 -5.50 12.48
N TYR B 150 -5.23 -6.22 13.56
CA TYR B 150 -6.28 -6.83 14.38
C TYR B 150 -7.19 -5.77 14.98
N VAL B 151 -6.61 -4.65 15.43
CA VAL B 151 -7.42 -3.58 15.99
C VAL B 151 -8.28 -2.95 14.90
N ASP B 152 -7.73 -2.79 13.69
CA ASP B 152 -8.51 -2.23 12.59
C ASP B 152 -9.60 -3.20 12.14
N GLU B 153 -9.34 -4.50 12.20
CA GLU B 153 -10.37 -5.47 11.86
C GLU B 153 -11.51 -5.45 12.87
N ALA B 154 -11.18 -5.34 14.16
CA ALA B 154 -12.22 -5.24 15.18
C ALA B 154 -12.99 -3.94 15.05
N GLU B 155 -12.33 -2.85 14.63
CA GLU B 155 -13.04 -1.60 14.41
C GLU B 155 -14.05 -1.73 13.29
N SER B 156 -13.72 -2.50 12.25
CA SER B 156 -14.67 -2.74 11.17
C SER B 156 -15.85 -3.57 11.63
N ARG B 157 -15.61 -4.57 12.46
CA ARG B 157 -16.71 -5.38 12.99
C ARG B 157 -17.50 -4.64 14.05
N PHE B 158 -16.88 -3.68 14.74
CA PHE B 158 -17.58 -2.90 15.75
C PHE B 158 -18.71 -2.10 15.13
N TRP B 159 -18.39 -1.28 14.13
CA TRP B 159 -19.39 -0.46 13.45
C TRP B 159 -20.17 -1.22 12.39
N ASN B 160 -19.87 -2.51 12.19
CA ASN B 160 -20.53 -3.32 11.17
C ASN B 160 -20.42 -2.68 9.79
N ALA B 161 -19.27 -2.06 9.53
CA ALA B 161 -19.02 -1.36 8.27
C ALA B 161 -18.10 -2.19 7.39
N PRO B 162 -18.62 -2.91 6.40
CA PRO B 162 -17.75 -3.71 5.52
C PRO B 162 -17.13 -2.85 4.43
N CYS B 163 -16.04 -3.37 3.87
CA CYS B 163 -15.41 -2.73 2.72
C CYS B 163 -16.34 -2.79 1.52
N ASP B 164 -16.32 -1.74 0.71
CA ASP B 164 -17.20 -1.64 -0.44
C ASP B 164 -16.49 -1.86 -1.77
N SER B 165 -15.20 -2.13 -1.76
CA SER B 165 -14.45 -2.35 -2.99
C SER B 165 -13.30 -3.31 -2.73
N ALA B 166 -12.81 -3.92 -3.80
CA ALA B 166 -11.67 -4.83 -3.67
C ALA B 166 -10.40 -4.07 -3.34
N ALA B 167 -10.26 -2.84 -3.84
CA ALA B 167 -9.05 -2.05 -3.57
C ALA B 167 -8.99 -1.62 -2.11
N GLN B 168 -10.12 -1.21 -1.53
CA GLN B 168 -10.14 -0.83 -0.12
C GLN B 168 -9.85 -2.01 0.78
N TYR B 169 -10.35 -3.20 0.41
CA TYR B 169 -10.12 -4.38 1.23
C TYR B 169 -8.65 -4.81 1.20
N LEU B 170 -8.02 -4.69 0.03
CA LEU B 170 -6.61 -5.04 -0.07
C LEU B 170 -5.76 -4.12 0.80
N ALA B 171 -6.11 -2.84 0.88
CA ALA B 171 -5.32 -1.90 1.67
C ALA B 171 -5.31 -2.28 3.15
N MET B 172 -6.43 -2.81 3.66
CA MET B 172 -6.48 -3.21 5.06
C MET B 172 -5.90 -4.61 5.27
N ARG B 173 -6.29 -5.56 4.43
CA ARG B 173 -5.95 -6.97 4.62
C ARG B 173 -4.49 -7.25 4.31
N ARG B 174 -3.75 -6.33 3.69
CA ARG B 174 -2.37 -6.58 3.32
C ARG B 174 -1.43 -6.63 4.51
N HIS B 175 -1.92 -6.39 5.73
CA HIS B 175 -1.10 -6.45 6.93
C HIS B 175 -1.58 -7.50 7.93
N THR B 176 -2.89 -7.73 8.03
CA THR B 176 -3.40 -8.72 8.97
C THR B 176 -3.17 -10.15 8.48
N ILE B 177 -2.86 -10.33 7.19
CA ILE B 177 -2.62 -11.67 6.68
C ILE B 177 -1.32 -12.24 7.23
N GLY B 178 -0.37 -11.37 7.57
CA GLY B 178 0.88 -11.82 8.16
C GLY B 178 1.84 -12.47 7.20
N VAL B 179 1.85 -12.05 5.93
CA VAL B 179 2.77 -12.62 4.96
C VAL B 179 4.19 -12.11 5.21
N GLN B 180 4.34 -10.82 5.51
CA GLN B 180 5.67 -10.22 5.65
C GLN B 180 6.44 -10.78 6.84
N PRO B 181 5.83 -10.93 8.02
CA PRO B 181 6.54 -11.63 9.11
C PRO B 181 6.92 -13.04 8.75
N THR B 182 6.11 -13.73 7.95
CA THR B 182 6.49 -15.06 7.47
C THR B 182 7.68 -14.98 6.53
N VAL B 183 7.70 -13.98 5.64
CA VAL B 183 8.84 -13.82 4.74
C VAL B 183 10.07 -13.37 5.50
N ASP B 184 9.89 -12.53 6.52
CA ASP B 184 11.02 -12.10 7.35
C ASP B 184 11.67 -13.29 8.05
N LEU B 185 10.87 -14.26 8.47
CA LEU B 185 11.42 -15.45 9.13
C LEU B 185 12.27 -16.27 8.16
N ALA B 186 11.94 -16.26 6.87
CA ALA B 186 12.71 -17.00 5.90
C ALA B 186 14.15 -16.51 5.82
N GLU B 187 14.38 -15.22 6.02
CA GLU B 187 15.74 -14.70 6.08
C GLU B 187 16.48 -15.22 7.30
N ARG B 188 15.83 -15.18 8.47
CA ARG B 188 16.45 -15.69 9.68
C ARG B 188 16.67 -17.19 9.60
N ALA B 189 15.73 -17.92 8.99
CA ALA B 189 15.88 -19.37 8.88
C ALA B 189 17.01 -19.75 7.92
N GLY B 190 17.32 -18.89 6.96
CA GLY B 190 18.39 -19.12 6.02
C GLY B 190 19.69 -18.42 6.33
N ARG B 191 19.74 -17.63 7.42
CA ARG B 191 20.96 -16.94 7.84
C ARG B 191 21.48 -16.00 6.76
N PHE B 192 20.57 -15.24 6.16
CA PHE B 192 20.93 -14.27 5.14
C PHE B 192 20.01 -13.06 5.27
N GLU B 193 20.43 -11.96 4.64
CA GLU B 193 19.64 -10.73 4.61
C GLU B 193 19.71 -10.14 3.22
N VAL B 194 18.54 -9.96 2.60
CA VAL B 194 18.52 -9.29 1.29
C VAL B 194 19.02 -7.86 1.47
N PRO B 195 19.77 -7.31 0.50
CA PRO B 195 20.21 -5.91 0.64
C PRO B 195 19.05 -4.97 0.93
N HIS B 196 19.21 -4.18 2.00
CA HIS B 196 18.11 -3.37 2.49
C HIS B 196 17.66 -2.34 1.46
N ARG B 197 18.58 -1.80 0.66
CA ARG B 197 18.19 -0.86 -0.37
C ARG B 197 17.40 -1.53 -1.50
N VAL B 198 17.51 -2.84 -1.63
CA VAL B 198 16.71 -3.58 -2.61
C VAL B 198 15.33 -3.94 -2.05
N PHE B 199 15.27 -4.24 -0.74
CA PHE B 199 13.99 -4.53 -0.12
C PHE B 199 13.03 -3.35 -0.22
N ASP B 200 13.55 -2.13 -0.17
CA ASP B 200 12.74 -0.92 -0.27
C ASP B 200 12.57 -0.44 -1.70
N SER B 201 13.05 -1.20 -2.69
CA SER B 201 12.92 -0.79 -4.08
C SER B 201 11.48 -0.98 -4.56
N ALA B 202 11.14 -0.25 -5.63
CA ALA B 202 9.80 -0.35 -6.18
C ALA B 202 9.52 -1.73 -6.75
N VAL B 203 10.53 -2.40 -7.32
CA VAL B 203 10.31 -3.70 -7.94
C VAL B 203 10.08 -4.76 -6.87
N MET B 204 10.91 -4.77 -5.83
CA MET B 204 10.75 -5.77 -4.78
C MET B 204 9.46 -5.55 -4.00
N SER B 205 9.09 -4.29 -3.76
CA SER B 205 7.83 -3.99 -3.10
C SER B 205 6.65 -4.50 -3.92
N ALA B 206 6.74 -4.39 -5.25
CA ALA B 206 5.70 -4.94 -6.11
C ALA B 206 5.68 -6.46 -6.04
N MET B 207 6.86 -7.08 -5.95
CA MET B 207 6.91 -8.53 -5.79
C MET B 207 6.34 -8.97 -4.45
N LEU B 208 6.59 -8.20 -3.40
CA LEU B 208 6.04 -8.54 -2.10
C LEU B 208 4.55 -8.26 -2.02
N GLN B 209 4.07 -7.24 -2.74
CA GLN B 209 2.63 -6.98 -2.79
C GLN B 209 1.91 -8.15 -3.46
N ILE B 210 2.53 -8.75 -4.48
CA ILE B 210 1.94 -9.91 -5.14
C ILE B 210 1.88 -11.10 -4.19
N ALA B 211 2.95 -11.33 -3.44
CA ALA B 211 2.97 -12.44 -2.50
C ALA B 211 1.90 -12.29 -1.43
N VAL B 212 1.65 -11.05 -0.99
CA VAL B 212 0.60 -10.81 -0.01
C VAL B 212 -0.77 -11.02 -0.65
N ASP B 213 -0.99 -10.42 -1.82
CA ASP B 213 -2.29 -10.50 -2.46
C ASP B 213 -2.68 -11.94 -2.78
N VAL B 214 -1.74 -12.72 -3.32
CA VAL B 214 -2.05 -14.10 -3.68
C VAL B 214 -2.41 -14.91 -2.45
N ASN B 215 -1.71 -14.69 -1.33
CA ASN B 215 -2.01 -15.41 -0.10
C ASN B 215 -3.41 -15.10 0.39
N LEU B 216 -3.78 -13.81 0.42
CA LEU B 216 -5.10 -13.46 0.93
C LEU B 216 -6.21 -13.87 -0.03
N LEU B 217 -5.92 -13.91 -1.34
CA LEU B 217 -6.91 -14.40 -2.28
C LEU B 217 -7.15 -15.90 -2.09
N LEU B 218 -6.07 -16.68 -1.93
CA LEU B 218 -6.23 -18.10 -1.66
C LEU B 218 -6.90 -18.33 -0.31
N ASN B 219 -6.55 -17.53 0.69
CA ASN B 219 -7.11 -17.72 2.03
C ASN B 219 -8.60 -17.43 2.05
N ASP B 220 -9.05 -16.39 1.32
CA ASP B 220 -10.46 -16.04 1.34
C ASP B 220 -11.33 -17.09 0.66
N ILE B 221 -10.76 -17.83 -0.30
CA ILE B 221 -11.52 -18.91 -0.93
C ILE B 221 -11.51 -20.15 -0.05
N ALA B 222 -10.38 -20.44 0.60
CA ALA B 222 -10.32 -21.58 1.51
C ALA B 222 -11.23 -21.37 2.73
N SER B 223 -11.38 -20.13 3.18
CA SER B 223 -12.22 -19.81 4.33
C SER B 223 -13.62 -19.37 3.93
N LEU B 224 -14.01 -19.61 2.68
CA LEU B 224 -15.30 -19.12 2.19
C LEU B 224 -16.46 -19.78 2.92
N GLU B 225 -16.45 -21.12 3.01
CA GLU B 225 -17.54 -21.82 3.68
C GLU B 225 -17.66 -21.39 5.13
N LYS B 226 -16.53 -21.20 5.81
CA LYS B 226 -16.57 -20.81 7.21
C LYS B 226 -17.03 -19.36 7.38
N GLU B 227 -16.55 -18.47 6.52
CA GLU B 227 -16.88 -17.05 6.68
C GLU B 227 -18.25 -16.70 6.09
N GLU B 228 -18.71 -17.45 5.09
CA GLU B 228 -20.06 -17.20 4.57
C GLU B 228 -21.13 -17.61 5.58
N ALA B 229 -20.92 -18.73 6.27
CA ALA B 229 -21.91 -19.21 7.23
C ALA B 229 -22.01 -18.29 8.44
N ARG B 230 -20.88 -17.74 8.89
CA ARG B 230 -20.87 -16.88 10.06
C ARG B 230 -21.24 -15.44 9.75
N GLY B 231 -21.60 -15.14 8.50
CA GLY B 231 -21.99 -13.79 8.15
C GLY B 231 -20.85 -12.80 7.99
N GLU B 232 -19.64 -13.29 7.72
CA GLU B 232 -18.51 -12.39 7.50
C GLU B 232 -18.65 -11.69 6.15
N GLN B 233 -18.46 -10.37 6.15
CA GLN B 233 -18.54 -9.59 4.92
C GLN B 233 -17.18 -9.17 4.39
N ASN B 234 -16.16 -9.13 5.25
CA ASN B 234 -14.80 -8.77 4.82
C ASN B 234 -14.08 -10.00 4.25
N ASN B 235 -14.63 -10.51 3.16
CA ASN B 235 -14.04 -11.59 2.38
C ASN B 235 -14.11 -11.19 0.92
N MET B 236 -13.01 -11.40 0.18
CA MET B 236 -12.93 -10.89 -1.18
C MET B 236 -14.04 -11.44 -2.06
N VAL B 237 -14.49 -12.67 -1.81
CA VAL B 237 -15.58 -13.23 -2.60
C VAL B 237 -16.84 -12.39 -2.46
N MET B 238 -17.25 -12.11 -1.22
CA MET B 238 -18.48 -11.35 -1.00
C MET B 238 -18.29 -9.87 -1.32
N ILE B 239 -17.07 -9.36 -1.24
CA ILE B 239 -16.83 -7.96 -1.59
C ILE B 239 -16.94 -7.76 -3.09
N LEU B 240 -16.45 -8.73 -3.88
CA LEU B 240 -16.61 -8.65 -5.32
C LEU B 240 -18.08 -8.78 -5.72
N ARG B 241 -18.87 -9.54 -4.96
CA ARG B 241 -20.29 -9.67 -5.26
C ARG B 241 -21.01 -8.34 -5.08
N ARG B 242 -20.74 -7.63 -3.98
CA ARG B 242 -21.41 -6.36 -3.74
C ARG B 242 -20.89 -5.27 -4.68
N GLU B 243 -19.59 -5.29 -4.99
CA GLU B 243 -19.01 -4.22 -5.78
C GLU B 243 -19.48 -4.28 -7.22
N HIS B 244 -19.59 -5.48 -7.80
CA HIS B 244 -19.89 -5.64 -9.21
C HIS B 244 -21.27 -6.24 -9.47
N GLY B 245 -21.99 -6.63 -8.43
CA GLY B 245 -23.26 -7.30 -8.63
C GLY B 245 -23.07 -8.67 -9.25
N TRP B 246 -22.13 -9.44 -8.71
CA TRP B 246 -21.74 -10.74 -9.27
C TRP B 246 -22.26 -11.88 -8.41
N SER B 247 -22.44 -13.03 -9.03
CA SER B 247 -22.78 -14.23 -8.30
C SER B 247 -21.56 -14.74 -7.53
N LYS B 248 -21.80 -15.66 -6.60
CA LYS B 248 -20.70 -16.28 -5.87
C LYS B 248 -19.75 -17.00 -6.82
N SER B 249 -20.29 -17.61 -7.87
CA SER B 249 -19.46 -18.37 -8.80
C SER B 249 -18.59 -17.45 -9.65
N ARG B 250 -19.14 -16.32 -10.10
CA ARG B 250 -18.35 -15.43 -10.95
C ARG B 250 -17.23 -14.76 -10.17
N SER B 251 -17.47 -14.43 -8.91
CA SER B 251 -16.43 -13.80 -8.09
C SER B 251 -15.26 -14.74 -7.86
N VAL B 252 -15.52 -16.04 -7.74
CA VAL B 252 -14.43 -17.00 -7.55
C VAL B 252 -13.60 -17.12 -8.82
N SER B 253 -14.26 -17.12 -9.98
CA SER B 253 -13.53 -17.17 -11.24
C SER B 253 -12.66 -15.94 -11.44
N HIS B 254 -13.20 -14.77 -11.09
CA HIS B 254 -12.41 -13.54 -11.19
C HIS B 254 -11.19 -13.59 -10.28
N MET B 255 -11.36 -14.14 -9.07
CA MET B 255 -10.22 -14.27 -8.17
C MET B 255 -9.20 -15.28 -8.70
N GLN B 256 -9.66 -16.31 -9.40
CA GLN B 256 -8.72 -17.23 -10.05
C GLN B 256 -7.96 -16.54 -11.16
N ASN B 257 -8.63 -15.67 -11.93
CA ASN B 257 -7.95 -14.93 -12.98
C ASN B 257 -6.96 -13.92 -12.39
N GLU B 258 -7.33 -13.29 -11.27
CA GLU B 258 -6.43 -12.34 -10.65
C GLU B 258 -5.19 -13.02 -10.09
N VAL B 259 -5.35 -14.24 -9.54
CA VAL B 259 -4.20 -14.99 -9.07
C VAL B 259 -3.25 -15.28 -10.23
N ARG B 260 -3.79 -15.77 -11.35
CA ARG B 260 -2.97 -16.03 -12.52
C ARG B 260 -2.30 -14.77 -13.04
N ALA B 261 -3.07 -13.67 -13.11
CA ALA B 261 -2.52 -12.42 -13.65
C ALA B 261 -1.38 -11.90 -12.79
N ARG B 262 -1.53 -11.95 -11.47
CA ARG B 262 -0.46 -11.47 -10.59
C ARG B 262 0.75 -12.39 -10.62
N LEU B 263 0.54 -13.70 -10.86
CA LEU B 263 1.66 -14.61 -10.97
C LEU B 263 2.45 -14.36 -12.25
N GLU B 264 1.75 -14.09 -13.36
CA GLU B 264 2.44 -13.74 -14.60
C GLU B 264 3.20 -12.42 -14.43
N GLN B 265 2.63 -11.47 -13.69
CA GLN B 265 3.34 -10.24 -13.40
C GLN B 265 4.53 -10.49 -12.47
N TYR B 266 4.40 -11.48 -11.58
CA TYR B 266 5.53 -11.80 -10.69
C TYR B 266 6.75 -12.26 -11.48
N LEU B 267 6.53 -13.09 -12.50
CA LEU B 267 7.64 -13.53 -13.33
C LEU B 267 8.24 -12.36 -14.11
N LEU B 268 7.40 -11.44 -14.57
CA LEU B 268 7.91 -10.24 -15.23
C LEU B 268 8.81 -9.43 -14.30
N LEU B 269 8.39 -9.27 -13.05
CA LEU B 269 9.20 -8.51 -12.10
C LEU B 269 10.49 -9.22 -11.75
N GLU B 270 10.48 -10.56 -11.76
CA GLU B 270 11.71 -11.31 -11.50
C GLU B 270 12.76 -11.04 -12.58
N SER B 271 12.33 -10.92 -13.83
CA SER B 271 13.26 -10.63 -14.92
C SER B 271 13.86 -9.24 -14.82
N CYS B 272 13.23 -8.35 -14.06
CA CYS B 272 13.80 -7.02 -13.83
C CYS B 272 14.85 -7.02 -12.73
N LEU B 273 14.96 -8.09 -11.95
CA LEU B 273 15.88 -8.08 -10.81
C LEU B 273 17.35 -7.97 -11.20
N PRO B 274 17.85 -8.59 -12.28
CA PRO B 274 19.24 -8.33 -12.66
C PRO B 274 19.53 -6.86 -12.89
N LYS B 275 18.65 -6.16 -13.61
CA LYS B 275 18.84 -4.72 -13.80
C LYS B 275 18.69 -3.95 -12.50
N VAL B 276 17.86 -4.44 -11.58
CA VAL B 276 17.71 -3.79 -10.28
C VAL B 276 19.01 -3.86 -9.49
N GLY B 277 19.70 -5.01 -9.55
CA GLY B 277 20.98 -5.13 -8.88
C GLY B 277 22.02 -4.18 -9.42
N GLU B 278 21.99 -3.91 -10.73
CA GLU B 278 22.90 -2.94 -11.31
C GLU B 278 22.56 -1.52 -10.89
N ILE B 279 21.27 -1.22 -10.71
CA ILE B 279 20.86 0.12 -10.31
C ILE B 279 21.37 0.45 -8.91
N TYR B 280 21.27 -0.51 -7.99
CA TYR B 280 21.69 -0.30 -6.62
C TYR B 280 23.14 -0.73 -6.36
N GLN B 281 23.86 -1.19 -7.38
CA GLN B 281 25.28 -1.53 -7.29
C GLN B 281 25.51 -2.58 -6.21
N LEU B 282 25.05 -3.80 -6.51
CA LEU B 282 25.21 -4.93 -5.62
C LEU B 282 26.49 -5.69 -5.97
N ASP B 283 27.23 -6.08 -4.94
CA ASP B 283 28.42 -6.90 -5.13
C ASP B 283 27.99 -8.35 -5.36
N THR B 284 28.95 -9.28 -5.36
CA THR B 284 28.62 -10.67 -5.63
C THR B 284 27.85 -11.29 -4.47
N ALA B 285 28.23 -10.98 -3.24
CA ALA B 285 27.52 -11.52 -2.08
C ALA B 285 26.12 -10.94 -1.98
N GLU B 286 25.96 -9.65 -2.32
CA GLU B 286 24.65 -9.03 -2.26
C GLU B 286 23.71 -9.59 -3.34
N ARG B 287 24.26 -9.90 -4.52
CA ARG B 287 23.44 -10.52 -5.56
C ARG B 287 23.06 -11.95 -5.20
N GLU B 288 23.93 -12.66 -4.49
CA GLU B 288 23.60 -14.00 -4.02
C GLU B 288 22.53 -13.96 -2.93
N ALA B 289 22.55 -12.91 -2.09
CA ALA B 289 21.52 -12.76 -1.08
C ALA B 289 20.17 -12.41 -1.71
N LEU B 290 20.19 -11.62 -2.78
CA LEU B 290 18.95 -11.30 -3.48
C LEU B 290 18.37 -12.53 -4.16
N GLU B 291 19.23 -13.42 -4.66
CA GLU B 291 18.75 -14.64 -5.28
C GLU B 291 18.14 -15.58 -4.26
N ARG B 292 18.74 -15.67 -3.07
CA ARG B 292 18.17 -16.49 -2.01
C ARG B 292 16.85 -15.91 -1.53
N TYR B 293 16.77 -14.58 -1.41
CA TYR B 293 15.53 -13.95 -1.00
C TYR B 293 14.42 -14.18 -2.02
N ARG B 294 14.79 -14.30 -3.30
CA ARG B 294 13.79 -14.51 -4.35
C ARG B 294 13.23 -15.92 -4.32
N THR B 295 14.09 -16.91 -4.08
CA THR B 295 13.69 -18.31 -4.18
C THR B 295 13.32 -18.94 -2.85
N ASP B 296 13.95 -18.52 -1.75
CA ASP B 296 13.70 -19.13 -0.45
C ASP B 296 12.74 -18.34 0.43
N ALA B 297 12.41 -17.10 0.06
CA ALA B 297 11.53 -16.27 0.87
C ALA B 297 10.28 -15.86 0.10
N VAL B 298 10.42 -15.22 -1.05
CA VAL B 298 9.26 -14.72 -1.78
C VAL B 298 8.55 -15.83 -2.53
N ARG B 299 9.30 -16.64 -3.27
CA ARG B 299 8.68 -17.73 -4.02
C ARG B 299 8.06 -18.77 -3.10
N THR B 300 8.68 -19.02 -1.95
CA THR B 300 8.18 -20.06 -1.05
C THR B 300 6.90 -19.63 -0.35
N VAL B 301 6.79 -18.35 0.01
CA VAL B 301 5.57 -17.89 0.68
C VAL B 301 4.38 -17.92 -0.27
N ILE B 302 4.62 -17.85 -1.58
CA ILE B 302 3.53 -17.99 -2.54
C ILE B 302 3.20 -19.45 -2.77
N ARG B 303 4.22 -20.26 -3.05
CA ARG B 303 3.98 -21.68 -3.35
C ARG B 303 3.55 -22.45 -2.11
N GLY B 304 4.11 -22.10 -0.95
CA GLY B 304 3.82 -22.85 0.27
C GLY B 304 2.36 -22.80 0.66
N SER B 305 1.74 -21.62 0.57
CA SER B 305 0.34 -21.49 0.91
C SER B 305 -0.54 -22.33 -0.01
N TYR B 306 -0.22 -22.33 -1.31
CA TYR B 306 -1.03 -23.07 -2.27
C TYR B 306 -1.00 -24.57 -1.97
N ASP B 307 0.20 -25.13 -1.77
CA ASP B 307 0.29 -26.56 -1.47
C ASP B 307 -0.39 -26.90 -0.16
N TRP B 308 -0.27 -26.03 0.84
CA TRP B 308 -0.90 -26.28 2.13
C TRP B 308 -2.41 -26.15 2.04
N HIS B 309 -2.91 -25.14 1.33
CA HIS B 309 -4.35 -25.02 1.12
C HIS B 309 -4.88 -26.16 0.26
N ARG B 310 -4.06 -26.70 -0.64
CA ARG B 310 -4.49 -27.80 -1.49
C ARG B 310 -4.50 -29.12 -0.74
N SER B 311 -3.51 -29.34 0.13
CA SER B 311 -3.48 -30.57 0.93
C SER B 311 -4.56 -30.57 2.00
N SER B 312 -5.12 -29.41 2.36
CA SER B 312 -6.18 -29.36 3.35
C SER B 312 -7.51 -29.85 2.77
N GLY B 313 -7.65 -29.89 1.45
CA GLY B 313 -8.86 -30.36 0.81
C GLY B 313 -9.89 -29.29 0.49
N ARG B 314 -9.65 -28.04 0.87
CA ARG B 314 -10.58 -26.95 0.65
C ARG B 314 -10.50 -26.39 -0.78
N TYR B 315 -9.92 -27.13 -1.71
CA TYR B 315 -9.77 -26.70 -3.11
C TYR B 315 -9.01 -25.37 -3.20
N ASP B 316 -7.89 -25.30 -2.47
CA ASP B 316 -7.02 -24.13 -2.47
C ASP B 316 -7.76 -22.83 -2.19
#